data_5GLI
#
_entry.id   5GLI
#
_cell.length_a   73.980
_cell.length_b   147.540
_cell.length_c   107.810
_cell.angle_alpha   90.000
_cell.angle_beta   90.000
_cell.angle_gamma   90.000
#
_symmetry.space_group_name_H-M   'C 2 2 21'
#
loop_
_entity.id
_entity.type
_entity.pdbx_description
1 polymer 'Endothelin Receptor Subtype-B'
2 non-polymer 'SULFATE ION'
3 non-polymer '(2R)-2,3-dihydroxypropyl (9Z)-octadec-9-enoate'
4 non-polymer 'OLEIC ACID'
5 water water
#
_entity_poly.entity_id   1
_entity_poly.type   'polypeptide(L)'
_entity_poly.pdbx_seq_one_letter_code
;GGGLAPAEVPKGDRTAGSPPRTISPPPCQGPIEIKETFKYINTVVSCLVFVLGIIGNSTLLYIIYKNKCMRNGPNILIAS
LALGDLLHIVIAIPINVYKLLAEDWPFGAEMCKLVPFIQKASVGITVLSLCALSIDRYRAVASWSRIKGIGVPKWTAVEI
VLIWVVSVVLAVPEAIGFDIITMDYKGSYLRICLLHPVQKTAFMQFYATAKDWWLFSFYFCLPLAITAFFYTLMTCEMLR
KNIFEMLRIDEGGGSGGDEAEKLFNQDVDAAVRGILRNAKLKPVYDSLDAVRRAALINMVFQMGETGVAGFTNSLRMLQQ
KRWDEAAVNLAKSRWYNQTPNRAKRVITTFRTGTWDAYLNDHLKQRREVAKTVFCLVLVFALCWLPLHLARILKLTLYNQ
NDPNRCELLSFLLVLDYIGINMASLNSCANPIALYLVSKRFKNAFKSALCCWAQSPSSENLYFQ
;
_entity_poly.pdbx_strand_id   A
#
# COMPACT_ATOMS: atom_id res chain seq x y z
N ILE A 23 29.69 -0.72 -30.63
CA ILE A 23 30.14 -2.11 -30.63
C ILE A 23 30.37 -2.59 -29.20
N SER A 24 29.52 -3.49 -28.73
CA SER A 24 29.60 -3.98 -27.36
C SER A 24 29.08 -5.41 -27.33
N PRO A 25 29.97 -6.40 -27.46
CA PRO A 25 29.50 -7.78 -27.59
C PRO A 25 29.05 -8.36 -26.27
N PRO A 26 28.14 -9.33 -26.28
CA PRO A 26 27.64 -9.94 -25.03
C PRO A 26 28.49 -11.13 -24.63
N PRO A 27 28.27 -11.71 -23.43
CA PRO A 27 29.12 -12.82 -22.97
C PRO A 27 28.74 -14.20 -23.47
N CYS A 28 28.19 -15.06 -22.60
CA CYS A 28 28.16 -16.50 -22.81
C CYS A 28 26.75 -17.00 -23.16
N GLN A 29 26.45 -18.25 -22.79
CA GLN A 29 25.36 -19.04 -23.34
C GLN A 29 24.07 -18.93 -22.52
N GLY A 30 24.17 -19.19 -21.22
CA GLY A 30 23.02 -19.26 -20.33
C GLY A 30 21.92 -18.26 -20.56
N PRO A 31 22.24 -16.96 -20.50
CA PRO A 31 21.18 -15.94 -20.63
C PRO A 31 20.45 -15.95 -21.97
N ILE A 32 21.05 -16.51 -23.02
CA ILE A 32 20.43 -16.45 -24.34
C ILE A 32 19.14 -17.24 -24.38
N GLU A 33 19.16 -18.46 -23.83
CA GLU A 33 17.95 -19.28 -23.82
C GLU A 33 16.88 -18.70 -22.90
N ILE A 34 17.30 -18.09 -21.80
CA ILE A 34 16.34 -17.50 -20.86
C ILE A 34 15.71 -16.26 -21.46
N LYS A 35 16.52 -15.41 -22.10
CA LYS A 35 15.99 -14.22 -22.77
C LYS A 35 14.96 -14.61 -23.83
N GLU A 36 15.20 -15.70 -24.55
CA GLU A 36 14.23 -16.16 -25.53
C GLU A 36 12.97 -16.70 -24.85
N THR A 37 13.13 -17.39 -23.73
CA THR A 37 11.98 -17.93 -23.02
C THR A 37 11.09 -16.82 -22.48
N PHE A 38 11.70 -15.74 -21.97
CA PHE A 38 10.93 -14.64 -21.40
C PHE A 38 10.43 -13.66 -22.44
N LYS A 39 10.88 -13.76 -23.69
CA LYS A 39 10.32 -12.91 -24.74
C LYS A 39 8.83 -13.18 -24.93
N TYR A 40 8.40 -14.42 -24.71
CA TYR A 40 6.99 -14.80 -24.77
C TYR A 40 6.26 -14.51 -23.47
N ILE A 41 6.92 -14.71 -22.32
CA ILE A 41 6.29 -14.43 -21.04
C ILE A 41 6.05 -12.94 -20.88
N ASN A 42 7.06 -12.12 -21.17
CA ASN A 42 6.91 -10.68 -21.05
C ASN A 42 5.85 -10.14 -22.01
N THR A 43 5.74 -10.74 -23.20
CA THR A 43 4.74 -10.31 -24.16
C THR A 43 3.32 -10.58 -23.64
N VAL A 44 3.12 -11.73 -22.99
CA VAL A 44 1.82 -12.05 -22.43
C VAL A 44 1.47 -11.11 -21.28
N VAL A 45 2.42 -10.88 -20.38
CA VAL A 45 2.20 -9.99 -19.25
C VAL A 45 1.93 -8.56 -19.74
N SER A 46 2.64 -8.13 -20.78
CA SER A 46 2.44 -6.78 -21.31
C SER A 46 1.04 -6.62 -21.87
N CYS A 47 0.50 -7.66 -22.50
CA CYS A 47 -0.85 -7.56 -23.06
C CYS A 47 -1.91 -7.60 -21.96
N LEU A 48 -1.69 -8.41 -20.93
CA LEU A 48 -2.62 -8.46 -19.80
C LEU A 48 -2.65 -7.11 -19.09
N VAL A 49 -1.48 -6.55 -18.79
CA VAL A 49 -1.42 -5.26 -18.10
C VAL A 49 -2.07 -4.17 -18.95
N PHE A 50 -1.90 -4.25 -20.28
CA PHE A 50 -2.47 -3.23 -21.15
C PHE A 50 -4.00 -3.27 -21.14
N VAL A 51 -4.58 -4.47 -21.25
CA VAL A 51 -6.03 -4.61 -21.29
C VAL A 51 -6.63 -4.30 -19.93
N LEU A 52 -6.13 -4.96 -18.88
CA LEU A 52 -6.65 -4.73 -17.54
C LEU A 52 -6.38 -3.30 -17.07
N GLY A 53 -5.25 -2.71 -17.48
CA GLY A 53 -4.90 -1.38 -16.99
C GLY A 53 -5.69 -0.27 -17.65
N ILE A 54 -5.88 -0.36 -18.96
CA ILE A 54 -6.58 0.70 -19.67
C ILE A 54 -8.07 0.66 -19.39
N ILE A 55 -8.60 -0.47 -18.93
CA ILE A 55 -10.00 -0.55 -18.55
C ILE A 55 -10.20 -0.18 -17.08
N GLY A 56 -9.35 -0.68 -16.21
CA GLY A 56 -9.51 -0.42 -14.79
C GLY A 56 -9.21 1.01 -14.40
N ASN A 57 -8.16 1.59 -14.97
CA ASN A 57 -7.78 2.95 -14.61
C ASN A 57 -8.74 3.98 -15.22
N SER A 58 -9.20 3.73 -16.44
CA SER A 58 -10.18 4.63 -17.05
C SER A 58 -11.49 4.62 -16.29
N THR A 59 -11.95 3.44 -15.89
CA THR A 59 -13.17 3.35 -15.09
C THR A 59 -12.99 4.00 -13.73
N LEU A 60 -11.83 3.78 -13.10
CA LEU A 60 -11.58 4.36 -11.78
C LEU A 60 -11.53 5.88 -11.84
N LEU A 61 -10.92 6.43 -12.90
CA LEU A 61 -10.87 7.88 -13.06
C LEU A 61 -12.28 8.45 -13.19
N TYR A 62 -13.14 7.77 -13.96
CA TYR A 62 -14.52 8.22 -14.13
C TYR A 62 -15.29 8.12 -12.82
N ILE A 63 -15.05 7.07 -12.04
CA ILE A 63 -15.80 6.85 -10.80
C ILE A 63 -15.45 7.91 -9.78
N ILE A 64 -14.16 8.19 -9.60
CA ILE A 64 -13.72 9.13 -8.57
C ILE A 64 -14.29 10.51 -8.83
N TYR A 65 -14.15 11.00 -10.08
CA TYR A 65 -14.47 12.40 -10.35
C TYR A 65 -15.99 12.62 -10.40
N LYS A 66 -16.74 11.66 -10.96
CA LYS A 66 -18.18 11.86 -11.08
C LYS A 66 -18.88 11.82 -9.73
N ASN A 67 -18.37 11.02 -8.80
CA ASN A 67 -18.93 10.94 -7.46
C ASN A 67 -18.52 12.18 -6.67
N LYS A 68 -19.50 13.02 -6.31
CA LYS A 68 -19.21 14.25 -5.59
C LYS A 68 -18.80 14.00 -4.14
N CYS A 69 -19.15 12.85 -3.58
CA CYS A 69 -18.80 12.54 -2.19
C CYS A 69 -17.39 11.98 -2.05
N MET A 70 -16.82 11.43 -3.13
CA MET A 70 -15.42 11.04 -3.13
C MET A 70 -14.52 12.14 -3.71
N ARG A 71 -15.07 13.01 -4.55
CA ARG A 71 -14.26 14.04 -5.19
C ARG A 71 -13.82 15.09 -4.18
N ASN A 72 -14.67 15.41 -3.20
CA ASN A 72 -14.32 16.40 -2.18
C ASN A 72 -13.45 15.82 -1.07
N GLY A 73 -12.91 14.63 -1.25
CA GLY A 73 -12.10 14.01 -0.24
C GLY A 73 -10.76 13.52 -0.77
N PRO A 74 -10.07 12.69 0.02
CA PRO A 74 -8.74 12.21 -0.40
C PRO A 74 -8.77 11.22 -1.56
N ASN A 75 -9.95 10.74 -1.96
CA ASN A 75 -10.02 9.79 -3.07
C ASN A 75 -9.66 10.42 -4.40
N ILE A 76 -9.65 11.76 -4.49
CA ILE A 76 -9.22 12.41 -5.70
C ILE A 76 -7.74 12.16 -5.98
N LEU A 77 -6.97 11.81 -4.94
CA LEU A 77 -5.57 11.43 -5.14
C LEU A 77 -5.47 10.08 -5.84
N ILE A 78 -6.44 9.20 -5.63
CA ILE A 78 -6.47 7.93 -6.34
C ILE A 78 -6.70 8.15 -7.83
N ALA A 79 -7.48 9.19 -8.17
CA ALA A 79 -7.66 9.52 -9.59
C ALA A 79 -6.34 9.97 -10.22
N SER A 80 -5.54 10.75 -9.48
CA SER A 80 -4.22 11.12 -9.97
C SER A 80 -3.33 9.89 -10.13
N LEU A 81 -3.45 8.93 -9.21
CA LEU A 81 -2.71 7.68 -9.34
C LEU A 81 -3.16 6.89 -10.56
N ALA A 82 -4.46 6.91 -10.85
CA ALA A 82 -4.98 6.17 -12.00
C ALA A 82 -4.56 6.81 -13.31
N LEU A 83 -4.59 8.14 -13.38
CA LEU A 83 -4.18 8.83 -14.60
C LEU A 83 -2.68 8.67 -14.86
N GLY A 84 -1.87 8.60 -13.80
CA GLY A 84 -0.45 8.38 -13.98
C GLY A 84 -0.14 7.02 -14.57
N ASP A 85 -0.83 5.98 -14.10
CA ASP A 85 -0.66 4.65 -14.69
C ASP A 85 -1.23 4.61 -16.11
N LEU A 86 -2.35 5.29 -16.33
CA LEU A 86 -3.03 5.22 -17.63
C LEU A 86 -2.14 5.77 -18.74
N LEU A 87 -1.50 6.93 -18.51
CA LEU A 87 -0.60 7.48 -19.52
C LEU A 87 0.65 6.63 -19.68
N HIS A 88 1.06 5.93 -18.63
CA HIS A 88 2.19 5.01 -18.74
C HIS A 88 1.82 3.77 -19.55
N ILE A 89 0.57 3.32 -19.45
CA ILE A 89 0.14 2.13 -20.18
C ILE A 89 0.14 2.40 -21.68
N VAL A 90 -0.53 3.48 -22.11
CA VAL A 90 -0.74 3.71 -23.53
C VAL A 90 0.54 4.05 -24.26
N ILE A 91 1.58 4.49 -23.56
CA ILE A 91 2.83 4.94 -24.18
C ILE A 91 3.92 3.88 -24.08
N ALA A 92 4.19 3.39 -22.87
CA ALA A 92 5.34 2.52 -22.68
C ALA A 92 5.05 1.08 -23.10
N ILE A 93 3.85 0.58 -22.82
CA ILE A 93 3.54 -0.83 -23.10
C ILE A 93 3.61 -1.16 -24.59
N PRO A 94 2.95 -0.42 -25.49
CA PRO A 94 3.02 -0.80 -26.91
C PRO A 94 4.43 -0.69 -27.49
N ILE A 95 5.21 0.30 -27.05
CA ILE A 95 6.58 0.42 -27.52
C ILE A 95 7.43 -0.76 -27.04
N ASN A 96 7.24 -1.18 -25.78
CA ASN A 96 8.01 -2.29 -25.26
C ASN A 96 7.63 -3.61 -25.92
N VAL A 97 6.36 -3.76 -26.32
CA VAL A 97 5.96 -4.96 -27.05
C VAL A 97 6.63 -5.01 -28.41
N TYR A 98 6.61 -3.89 -29.13
CA TYR A 98 7.28 -3.82 -30.42
C TYR A 98 8.78 -4.14 -30.29
N LYS A 99 9.41 -3.64 -29.22
CA LYS A 99 10.84 -3.85 -29.04
C LYS A 99 11.17 -5.32 -28.79
N LEU A 100 10.34 -6.01 -28.00
CA LEU A 100 10.61 -7.41 -27.71
C LEU A 100 10.48 -8.28 -28.96
N LEU A 101 9.44 -8.04 -29.76
CA LEU A 101 9.22 -8.86 -30.95
C LEU A 101 10.27 -8.62 -32.01
N ALA A 102 10.62 -7.36 -32.25
CA ALA A 102 11.62 -7.02 -33.26
C ALA A 102 13.04 -7.31 -32.79
N GLU A 103 13.27 -7.43 -31.49
CA GLU A 103 14.59 -7.68 -30.93
C GLU A 103 15.60 -6.59 -31.35
N ASP A 104 15.07 -5.40 -31.65
CA ASP A 104 15.86 -4.29 -32.14
C ASP A 104 15.07 -3.02 -31.89
N TRP A 105 15.77 -1.90 -31.74
CA TRP A 105 15.12 -0.62 -31.47
C TRP A 105 14.95 0.13 -32.79
N PRO A 106 13.72 0.28 -33.30
CA PRO A 106 13.56 0.91 -34.62
C PRO A 106 12.85 2.26 -34.57
N PHE A 107 12.83 2.91 -33.40
CA PHE A 107 12.01 4.10 -33.23
C PHE A 107 12.80 5.40 -33.29
N GLY A 108 14.12 5.35 -33.21
CA GLY A 108 14.92 6.56 -33.32
C GLY A 108 15.33 7.09 -31.96
N ALA A 109 16.01 8.24 -32.00
CA ALA A 109 16.60 8.79 -30.79
C ALA A 109 15.55 9.46 -29.90
N GLU A 110 14.56 10.12 -30.52
CA GLU A 110 13.56 10.85 -29.74
C GLU A 110 12.74 9.90 -28.88
N MET A 111 12.27 8.79 -29.46
CA MET A 111 11.50 7.82 -28.69
C MET A 111 12.35 7.10 -27.65
N CYS A 112 13.66 6.96 -27.92
CA CYS A 112 14.56 6.33 -26.97
C CYS A 112 14.69 7.16 -25.68
N LYS A 113 14.43 8.46 -25.75
CA LYS A 113 14.46 9.32 -24.57
C LYS A 113 13.09 9.54 -23.96
N LEU A 114 12.02 9.44 -24.76
CA LEU A 114 10.69 9.73 -24.26
C LEU A 114 10.17 8.62 -23.36
N VAL A 115 10.30 7.36 -23.79
CA VAL A 115 9.73 6.24 -23.05
C VAL A 115 10.33 6.11 -21.65
N PRO A 116 11.66 6.13 -21.46
CA PRO A 116 12.18 6.10 -20.08
C PRO A 116 11.79 7.32 -19.27
N PHE A 117 11.66 8.48 -19.90
CA PHE A 117 11.18 9.67 -19.20
C PHE A 117 9.74 9.50 -18.74
N ILE A 118 8.88 8.95 -19.60
CA ILE A 118 7.49 8.72 -19.23
C ILE A 118 7.40 7.68 -18.10
N GLN A 119 8.19 6.62 -18.20
CA GLN A 119 8.18 5.59 -17.17
C GLN A 119 8.62 6.14 -15.82
N LYS A 120 9.68 6.95 -15.82
CA LYS A 120 10.20 7.48 -14.56
C LYS A 120 9.23 8.46 -13.92
N ALA A 121 8.56 9.28 -14.73
CA ALA A 121 7.56 10.20 -14.18
C ALA A 121 6.37 9.45 -13.62
N SER A 122 5.99 8.34 -14.25
CA SER A 122 4.84 7.57 -13.79
C SER A 122 5.11 6.94 -12.42
N VAL A 123 6.31 6.37 -12.25
CA VAL A 123 6.67 5.79 -10.96
C VAL A 123 6.70 6.86 -9.88
N GLY A 124 7.14 8.06 -10.23
CA GLY A 124 7.13 9.15 -9.26
C GLY A 124 5.73 9.60 -8.90
N ILE A 125 4.82 9.62 -9.88
CA ILE A 125 3.43 9.97 -9.61
C ILE A 125 2.78 8.94 -8.70
N THR A 126 3.11 7.65 -8.90
CA THR A 126 2.54 6.60 -8.08
C THR A 126 2.99 6.71 -6.63
N VAL A 127 4.31 6.90 -6.42
CA VAL A 127 4.83 6.88 -5.06
C VAL A 127 4.46 8.16 -4.31
N LEU A 128 4.32 9.28 -5.00
CA LEU A 128 3.96 10.53 -4.32
C LEU A 128 2.46 10.63 -4.07
N SER A 129 1.64 10.02 -4.94
CA SER A 129 0.21 9.96 -4.67
C SER A 129 -0.11 9.01 -3.53
N LEU A 130 0.65 7.91 -3.40
CA LEU A 130 0.44 7.00 -2.29
C LEU A 130 0.80 7.64 -0.96
N CYS A 131 1.89 8.41 -0.92
CA CYS A 131 2.29 9.08 0.31
C CYS A 131 1.26 10.13 0.71
N ALA A 132 0.79 10.93 -0.26
CA ALA A 132 -0.17 11.98 0.05
C ALA A 132 -1.51 11.41 0.52
N LEU A 133 -1.88 10.23 0.02
CA LEU A 133 -3.15 9.62 0.43
C LEU A 133 -3.10 9.16 1.87
N SER A 134 -2.01 8.51 2.29
CA SER A 134 -1.90 8.06 3.67
C SER A 134 -1.85 9.23 4.65
N ILE A 135 -1.26 10.36 4.22
CA ILE A 135 -1.20 11.53 5.09
C ILE A 135 -2.59 12.18 5.21
N ASP A 136 -3.28 12.33 4.08
CA ASP A 136 -4.62 12.93 4.11
C ASP A 136 -5.62 12.06 4.85
N ARG A 137 -5.49 10.73 4.77
CA ARG A 137 -6.37 9.86 5.52
C ARG A 137 -6.10 9.94 7.01
N TYR A 138 -4.85 10.23 7.40
CA TYR A 138 -4.55 10.44 8.81
C TYR A 138 -5.16 11.75 9.32
N ARG A 139 -5.07 12.81 8.52
CA ARG A 139 -5.67 14.08 8.93
C ARG A 139 -7.19 14.01 8.96
N ALA A 140 -7.78 13.12 8.14
CA ALA A 140 -9.23 13.04 8.08
C ALA A 140 -9.82 12.41 9.34
N VAL A 141 -9.14 11.39 9.90
CA VAL A 141 -9.62 10.72 11.10
C VAL A 141 -9.15 11.40 12.38
N ALA A 142 -8.37 12.48 12.28
CA ALA A 142 -7.85 13.18 13.44
C ALA A 142 -8.78 14.30 13.91
N SER A 143 -9.98 14.39 13.35
CA SER A 143 -10.90 15.48 13.66
C SER A 143 -12.31 14.96 13.83
N TRP A 144 -13.04 15.52 14.79
CA TRP A 144 -14.45 15.24 14.97
C TRP A 144 -15.29 16.26 14.22
N SER A 145 -16.41 15.80 13.66
CA SER A 145 -17.39 16.68 13.02
C SER A 145 -16.77 17.51 11.91
N ARG A 146 -15.92 16.90 11.09
CA ARG A 146 -15.33 17.63 9.99
C ARG A 146 -16.38 17.90 8.92
N ILE A 147 -16.34 19.11 8.36
CA ILE A 147 -17.33 19.56 7.40
C ILE A 147 -16.65 19.65 6.04
N LYS A 148 -17.06 18.80 5.11
CA LYS A 148 -16.46 18.79 3.78
C LYS A 148 -17.00 19.94 2.93
N GLY A 149 -16.17 20.39 2.01
CA GLY A 149 -16.55 21.42 1.06
C GLY A 149 -17.16 20.82 -0.20
N ILE A 150 -17.41 21.70 -1.16
CA ILE A 150 -18.01 21.33 -2.44
C ILE A 150 -16.93 21.36 -3.51
N GLY A 151 -16.68 20.21 -4.14
CA GLY A 151 -15.66 20.11 -5.17
C GLY A 151 -14.31 19.70 -4.63
N VAL A 152 -13.34 19.69 -5.52
CA VAL A 152 -11.97 19.32 -5.13
C VAL A 152 -11.42 20.39 -4.19
N PRO A 153 -10.88 20.01 -3.03
CA PRO A 153 -10.28 21.01 -2.13
C PRO A 153 -9.12 21.73 -2.83
N LYS A 154 -9.00 23.02 -2.56
CA LYS A 154 -8.01 23.85 -3.23
C LYS A 154 -6.59 23.38 -2.91
N TRP A 155 -6.34 23.00 -1.65
CA TRP A 155 -5.00 22.58 -1.27
C TRP A 155 -4.65 21.19 -1.79
N THR A 156 -5.65 20.32 -1.97
CA THR A 156 -5.39 19.04 -2.61
C THR A 156 -5.06 19.21 -4.09
N ALA A 157 -5.61 20.23 -4.74
CA ALA A 157 -5.27 20.51 -6.13
C ALA A 157 -3.82 20.97 -6.25
N VAL A 158 -3.36 21.80 -5.33
CA VAL A 158 -1.95 22.19 -5.31
C VAL A 158 -1.06 20.98 -5.06
N GLU A 159 -1.55 20.03 -4.26
CA GLU A 159 -0.79 18.83 -3.96
C GLU A 159 -0.60 17.98 -5.21
N ILE A 160 -1.67 17.80 -5.99
CA ILE A 160 -1.57 16.98 -7.20
C ILE A 160 -0.68 17.65 -8.23
N VAL A 161 -0.82 18.96 -8.41
CA VAL A 161 0.03 19.68 -9.36
C VAL A 161 1.49 19.52 -8.98
N LEU A 162 1.81 19.69 -7.69
CA LEU A 162 3.19 19.54 -7.24
C LEU A 162 3.69 18.12 -7.43
N ILE A 163 2.83 17.12 -7.22
CA ILE A 163 3.21 15.73 -7.39
C ILE A 163 3.65 15.48 -8.84
N TRP A 164 2.89 16.01 -9.80
CA TRP A 164 3.23 15.82 -11.20
C TRP A 164 4.45 16.67 -11.59
N VAL A 165 4.57 17.86 -11.02
CA VAL A 165 5.71 18.72 -11.35
C VAL A 165 7.01 18.10 -10.88
N VAL A 166 7.03 17.61 -9.64
CA VAL A 166 8.25 17.00 -9.09
C VAL A 166 8.60 15.73 -9.86
N SER A 167 7.60 14.92 -10.19
CA SER A 167 7.87 13.66 -10.87
C SER A 167 8.44 13.87 -12.27
N VAL A 168 8.04 14.94 -12.95
CA VAL A 168 8.59 15.23 -14.27
C VAL A 168 10.04 15.72 -14.14
N VAL A 169 10.30 16.58 -13.15
CA VAL A 169 11.65 17.11 -12.97
C VAL A 169 12.62 16.00 -12.61
N LEU A 170 12.20 15.08 -11.74
CA LEU A 170 13.06 13.95 -11.37
C LEU A 170 13.27 12.97 -12.53
N ALA A 171 12.49 13.06 -13.60
CA ALA A 171 12.62 12.17 -14.74
C ALA A 171 13.43 12.79 -15.88
N VAL A 172 13.84 14.06 -15.75
CA VAL A 172 14.65 14.70 -16.79
C VAL A 172 15.95 13.96 -17.07
N PRO A 173 16.69 13.46 -16.07
CA PRO A 173 17.91 12.70 -16.40
C PRO A 173 17.68 11.55 -17.35
N GLU A 174 16.54 10.86 -17.25
CA GLU A 174 16.27 9.73 -18.14
C GLU A 174 16.21 10.20 -19.59
N ALA A 175 15.61 11.36 -19.83
CA ALA A 175 15.56 11.91 -21.19
C ALA A 175 16.94 12.34 -21.67
N ILE A 176 17.80 12.78 -20.75
CA ILE A 176 19.13 13.23 -21.14
C ILE A 176 20.07 12.05 -21.37
N GLY A 177 20.03 11.05 -20.50
CA GLY A 177 21.02 10.00 -20.55
C GLY A 177 20.78 8.95 -21.61
N PHE A 178 19.53 8.67 -21.92
CA PHE A 178 19.22 7.57 -22.83
C PHE A 178 19.55 7.94 -24.27
N ASP A 179 20.17 7.00 -24.98
CA ASP A 179 20.47 7.15 -26.39
C ASP A 179 20.77 5.78 -26.96
N ILE A 180 20.81 5.69 -28.29
CA ILE A 180 20.93 4.42 -29.00
C ILE A 180 22.39 4.07 -29.20
N ILE A 181 22.72 2.80 -28.95
CA ILE A 181 24.05 2.26 -29.23
C ILE A 181 23.87 0.99 -30.06
N THR A 182 24.94 0.59 -30.74
CA THR A 182 24.93 -0.58 -31.61
C THR A 182 25.68 -1.73 -30.94
N MET A 183 25.03 -2.88 -30.85
CA MET A 183 25.61 -4.07 -30.24
C MET A 183 26.08 -5.04 -31.31
N ASP A 184 27.27 -5.62 -31.11
CA ASP A 184 27.86 -6.59 -32.02
C ASP A 184 27.73 -7.97 -31.38
N TYR A 185 26.75 -8.74 -31.82
CA TYR A 185 26.53 -10.10 -31.32
C TYR A 185 27.09 -11.07 -32.36
N LYS A 186 28.36 -11.43 -32.19
CA LYS A 186 29.14 -12.28 -33.09
C LYS A 186 28.76 -12.10 -34.56
N GLY A 187 28.89 -10.87 -35.07
CA GLY A 187 28.62 -10.56 -36.45
C GLY A 187 27.31 -9.84 -36.69
N SER A 188 26.33 -10.02 -35.80
CA SER A 188 25.02 -9.42 -35.99
C SER A 188 24.95 -8.08 -35.25
N TYR A 189 24.53 -7.04 -35.96
CA TYR A 189 24.39 -5.70 -35.40
C TYR A 189 22.93 -5.45 -35.04
N LEU A 190 22.69 -5.07 -33.78
CA LEU A 190 21.35 -4.79 -33.29
C LEU A 190 21.41 -3.53 -32.43
N ARG A 191 20.60 -2.53 -32.79
CA ARG A 191 20.56 -1.29 -32.03
C ARG A 191 19.81 -1.48 -30.72
N ILE A 192 20.36 -0.91 -29.64
CA ILE A 192 19.78 -1.00 -28.31
C ILE A 192 19.65 0.41 -27.73
N CYS A 193 18.51 0.68 -27.11
CA CYS A 193 18.27 1.93 -26.41
C CYS A 193 18.50 1.72 -24.93
N LEU A 194 19.47 2.43 -24.36
CA LEU A 194 19.82 2.25 -22.96
C LEU A 194 20.48 3.53 -22.44
N LEU A 195 20.71 3.55 -21.13
CA LEU A 195 21.45 4.64 -20.50
C LEU A 195 22.90 4.57 -20.96
N HIS A 196 23.34 5.59 -21.68
CA HIS A 196 24.63 5.52 -22.36
C HIS A 196 25.76 5.42 -21.34
N PRO A 197 26.71 4.50 -21.52
CA PRO A 197 27.84 4.41 -20.57
C PRO A 197 28.68 5.67 -20.50
N VAL A 198 28.80 6.40 -21.60
CA VAL A 198 29.58 7.63 -21.65
C VAL A 198 28.60 8.80 -21.60
N GLN A 199 28.58 9.51 -20.47
CA GLN A 199 27.73 10.68 -20.30
C GLN A 199 28.55 11.95 -20.49
N LYS A 200 27.85 13.01 -20.90
CA LYS A 200 28.54 14.24 -21.29
C LYS A 200 29.08 14.99 -20.08
N THR A 201 28.30 15.06 -19.00
CA THR A 201 28.67 15.84 -17.83
C THR A 201 28.96 14.95 -16.64
N ALA A 202 29.62 15.54 -15.63
CA ALA A 202 30.02 14.77 -14.46
C ALA A 202 28.82 14.33 -13.64
N PHE A 203 27.83 15.20 -13.47
CA PHE A 203 26.62 14.81 -12.75
C PHE A 203 25.87 13.70 -13.49
N MET A 204 25.86 13.75 -14.82
CA MET A 204 25.14 12.75 -15.58
C MET A 204 25.83 11.39 -15.53
N GLN A 205 27.16 11.37 -15.46
CA GLN A 205 27.86 10.10 -15.30
C GLN A 205 27.69 9.52 -13.91
N PHE A 206 27.58 10.39 -12.89
CA PHE A 206 27.31 9.91 -11.54
C PHE A 206 25.90 9.31 -11.44
N TYR A 207 24.94 9.87 -12.17
CA TYR A 207 23.60 9.31 -12.18
C TYR A 207 23.58 7.92 -12.80
N ALA A 208 24.49 7.63 -13.74
CA ALA A 208 24.53 6.32 -14.35
C ALA A 208 24.98 5.25 -13.36
N THR A 209 25.86 5.61 -12.43
CA THR A 209 26.33 4.64 -11.44
C THR A 209 25.31 4.44 -10.33
N ALA A 210 24.68 5.52 -9.86
CA ALA A 210 23.74 5.47 -8.75
C ALA A 210 22.29 5.37 -9.21
N LYS A 211 22.04 4.86 -10.41
CA LYS A 211 20.68 4.79 -10.92
C LYS A 211 19.84 3.80 -10.14
N ASP A 212 20.38 2.61 -9.86
CA ASP A 212 19.60 1.59 -9.18
C ASP A 212 19.39 1.94 -7.70
N TRP A 213 20.41 2.49 -7.06
CA TRP A 213 20.26 2.89 -5.66
C TRP A 213 19.26 4.03 -5.51
N TRP A 214 19.25 4.96 -6.47
CA TRP A 214 18.31 6.06 -6.41
C TRP A 214 16.86 5.56 -6.57
N LEU A 215 16.65 4.56 -7.42
CA LEU A 215 15.32 3.97 -7.54
C LEU A 215 14.92 3.24 -6.27
N PHE A 216 15.88 2.58 -5.63
CA PHE A 216 15.57 1.82 -4.41
C PHE A 216 15.37 2.74 -3.21
N SER A 217 16.05 3.89 -3.18
CA SER A 217 15.95 4.77 -2.02
C SER A 217 14.71 5.65 -2.09
N PHE A 218 14.53 6.38 -3.20
CA PHE A 218 13.44 7.35 -3.29
C PHE A 218 12.12 6.71 -3.71
N TYR A 219 12.16 5.68 -4.55
CA TYR A 219 10.96 5.10 -5.14
C TYR A 219 10.57 3.78 -4.48
N PHE A 220 11.10 3.48 -3.30
CA PHE A 220 10.70 2.26 -2.60
C PHE A 220 10.83 2.41 -1.09
N CYS A 221 12.03 2.76 -0.61
CA CYS A 221 12.23 2.94 0.82
C CYS A 221 11.49 4.17 1.35
N LEU A 222 11.55 5.27 0.60
CA LEU A 222 10.86 6.48 1.05
C LEU A 222 9.35 6.32 1.05
N PRO A 223 8.69 5.80 0.00
CA PRO A 223 7.23 5.66 0.07
C PRO A 223 6.76 4.68 1.14
N LEU A 224 7.48 3.56 1.31
CA LEU A 224 7.09 2.59 2.34
C LEU A 224 7.25 3.18 3.74
N ALA A 225 8.32 3.91 3.98
CA ALA A 225 8.56 4.46 5.31
C ALA A 225 7.50 5.49 5.68
N ILE A 226 7.07 6.30 4.71
CA ILE A 226 6.10 7.35 5.00
C ILE A 226 4.69 6.78 5.10
N THR A 227 4.30 5.90 4.18
CA THR A 227 2.96 5.34 4.21
C THR A 227 2.74 4.47 5.43
N ALA A 228 3.71 3.63 5.78
CA ALA A 228 3.57 2.78 6.95
C ALA A 228 3.56 3.59 8.25
N PHE A 229 4.29 4.70 8.28
CA PHE A 229 4.30 5.54 9.47
C PHE A 229 2.94 6.21 9.68
N PHE A 230 2.38 6.82 8.64
CA PHE A 230 1.10 7.49 8.78
C PHE A 230 -0.06 6.50 8.89
N TYR A 231 0.08 5.31 8.30
CA TYR A 231 -0.93 4.28 8.49
C TYR A 231 -0.97 3.83 9.95
N THR A 232 0.21 3.73 10.58
CA THR A 232 0.26 3.39 12.00
C THR A 232 -0.39 4.48 12.85
N LEU A 233 -0.10 5.75 12.54
CA LEU A 233 -0.73 6.84 13.27
C LEU A 233 -2.23 6.87 13.04
N MET A 234 -2.66 6.58 11.82
CA MET A 234 -4.09 6.59 11.51
C MET A 234 -4.83 5.48 12.26
N THR A 235 -4.25 4.28 12.27
CA THR A 235 -4.90 3.16 12.94
C THR A 235 -4.91 3.35 14.46
N CYS A 236 -3.85 3.96 15.02
CA CYS A 236 -3.85 4.25 16.44
C CYS A 236 -4.93 5.25 16.79
N GLU A 237 -5.13 6.26 15.95
CA GLU A 237 -6.18 7.25 16.20
C GLU A 237 -7.56 6.64 16.00
N MET A 238 -7.70 5.74 15.02
CA MET A 238 -8.96 5.03 14.86
C MET A 238 -9.30 4.21 16.09
N LEU A 239 -8.27 3.62 16.73
CA LEU A 239 -8.51 2.78 17.89
C LEU A 239 -8.96 3.60 19.09
N ARG A 240 -8.34 4.75 19.31
CA ARG A 240 -8.72 5.59 20.44
C ARG A 240 -10.12 6.18 20.26
N LYS A 241 -10.58 6.34 19.02
CA LYS A 241 -11.94 6.81 18.80
C LYS A 241 -12.96 5.68 18.89
N ASN A 242 -12.57 4.46 18.51
CA ASN A 242 -13.49 3.33 18.61
C ASN A 242 -13.75 2.95 20.06
N ILE A 243 -12.69 2.90 20.88
CA ILE A 243 -12.89 2.63 22.30
C ILE A 243 -13.66 3.78 22.95
N PHE A 244 -13.54 4.99 22.40
CA PHE A 244 -14.31 6.12 22.92
C PHE A 244 -15.80 5.93 22.68
N GLU A 245 -16.18 5.64 21.43
CA GLU A 245 -17.58 5.42 21.13
C GLU A 245 -18.11 4.14 21.76
N MET A 246 -17.24 3.14 21.97
CA MET A 246 -17.64 1.90 22.61
C MET A 246 -18.17 2.15 24.01
N LEU A 247 -17.43 2.94 24.80
CA LEU A 247 -17.86 3.22 26.17
C LEU A 247 -19.10 4.11 26.19
N ARG A 248 -19.16 5.10 25.30
CA ARG A 248 -20.31 6.01 25.28
C ARG A 248 -21.59 5.27 24.90
N ILE A 249 -21.49 4.33 23.97
CA ILE A 249 -22.66 3.52 23.61
C ILE A 249 -23.09 2.66 24.79
N ASP A 250 -22.12 2.02 25.45
CA ASP A 250 -22.43 1.16 26.60
C ASP A 250 -22.91 1.97 27.80
N GLU A 251 -22.60 3.26 27.86
CA GLU A 251 -23.05 4.13 28.94
C GLU A 251 -24.31 4.90 28.58
N GLY A 252 -24.97 4.54 27.47
CA GLY A 252 -26.23 5.15 27.08
C GLY A 252 -26.11 6.21 26.01
N GLY A 253 -24.96 6.85 25.89
CA GLY A 253 -24.79 7.90 24.90
C GLY A 253 -23.74 8.89 25.36
N GLY A 254 -23.55 9.90 24.53
CA GLY A 254 -22.56 10.93 24.81
C GLY A 254 -22.27 11.75 23.57
N SER A 255 -21.23 12.57 23.68
CA SER A 255 -20.83 13.46 22.60
C SER A 255 -19.34 13.33 22.36
N GLY A 256 -18.95 13.52 21.09
CA GLY A 256 -17.54 13.49 20.72
C GLY A 256 -16.92 14.86 20.71
N GLY A 257 -15.65 14.90 20.36
CA GLY A 257 -14.87 16.13 20.31
C GLY A 257 -13.46 15.90 20.82
N ASP A 258 -12.57 16.82 20.47
CA ASP A 258 -11.17 16.70 20.88
C ASP A 258 -11.03 16.79 22.39
N GLU A 259 -11.76 17.70 23.03
CA GLU A 259 -11.66 17.83 24.48
C GLU A 259 -12.25 16.61 25.18
N ALA A 260 -13.37 16.09 24.69
CA ALA A 260 -13.96 14.90 25.30
C ALA A 260 -13.07 13.68 25.11
N GLU A 261 -12.43 13.55 23.94
CA GLU A 261 -11.56 12.40 23.70
C GLU A 261 -10.28 12.51 24.51
N LYS A 262 -9.73 13.72 24.65
CA LYS A 262 -8.50 13.90 25.41
C LYS A 262 -8.70 13.49 26.87
N LEU A 263 -9.82 13.89 27.47
CA LEU A 263 -10.09 13.53 28.86
C LEU A 263 -10.39 12.04 28.98
N PHE A 264 -11.06 11.46 27.99
CA PHE A 264 -11.36 10.03 28.05
C PHE A 264 -10.10 9.19 27.86
N ASN A 265 -9.20 9.63 26.97
CA ASN A 265 -7.95 8.89 26.77
C ASN A 265 -7.09 8.88 28.02
N GLN A 266 -7.15 9.95 28.82
CA GLN A 266 -6.42 9.98 30.08
C GLN A 266 -6.98 8.95 31.07
N ASP A 267 -8.31 8.80 31.10
CA ASP A 267 -8.90 7.78 31.97
C ASP A 267 -8.55 6.38 31.49
N VAL A 268 -8.47 6.17 30.17
CA VAL A 268 -8.05 4.88 29.65
C VAL A 268 -6.58 4.61 29.97
N ASP A 269 -5.73 5.61 29.78
CA ASP A 269 -4.31 5.43 30.08
C ASP A 269 -4.09 5.15 31.55
N ALA A 270 -4.84 5.82 32.44
CA ALA A 270 -4.73 5.53 33.86
C ALA A 270 -5.24 4.14 34.19
N ALA A 271 -6.22 3.65 33.43
CA ALA A 271 -6.75 2.31 33.69
C ALA A 271 -5.74 1.23 33.31
N VAL A 272 -5.12 1.37 32.13
CA VAL A 272 -4.16 0.36 31.69
C VAL A 272 -2.91 0.40 32.57
N ARG A 273 -2.58 1.55 33.14
CA ARG A 273 -1.48 1.60 34.10
C ARG A 273 -1.81 0.81 35.36
N GLY A 274 -3.08 0.79 35.76
CA GLY A 274 -3.50 -0.07 36.86
C GLY A 274 -3.57 -1.53 36.47
N ILE A 275 -3.83 -1.80 35.18
CA ILE A 275 -3.84 -3.19 34.71
C ILE A 275 -2.42 -3.76 34.76
N LEU A 276 -1.44 -3.00 34.28
CA LEU A 276 -0.07 -3.49 34.22
C LEU A 276 0.55 -3.67 35.60
N ARG A 277 0.05 -2.95 36.61
CA ARG A 277 0.52 -3.17 37.97
C ARG A 277 -0.21 -4.31 38.66
N ASN A 278 -1.41 -4.65 38.22
CA ASN A 278 -2.15 -5.75 38.82
C ASN A 278 -1.57 -7.08 38.36
N ALA A 279 -1.22 -7.95 39.32
CA ALA A 279 -0.59 -9.21 38.98
C ALA A 279 -1.56 -10.18 38.33
N LYS A 280 -2.85 -10.04 38.60
CA LYS A 280 -3.84 -10.95 38.02
C LYS A 280 -4.21 -10.57 36.58
N LEU A 281 -4.26 -9.27 36.29
CA LEU A 281 -4.69 -8.77 34.99
C LEU A 281 -3.54 -8.51 34.03
N LYS A 282 -2.30 -8.46 34.52
CA LYS A 282 -1.16 -8.19 33.64
C LYS A 282 -0.93 -9.28 32.61
N PRO A 283 -0.91 -10.58 32.95
CA PRO A 283 -0.61 -11.58 31.92
C PRO A 283 -1.71 -11.71 30.87
N VAL A 284 -2.98 -11.59 31.27
CA VAL A 284 -4.06 -11.76 30.30
C VAL A 284 -4.17 -10.55 29.39
N TYR A 285 -3.85 -9.36 29.89
CA TYR A 285 -3.95 -8.16 29.06
C TYR A 285 -2.87 -8.13 27.98
N ASP A 286 -1.65 -8.58 28.33
CA ASP A 286 -0.59 -8.65 27.32
C ASP A 286 -0.91 -9.70 26.26
N SER A 287 -1.73 -10.70 26.59
CA SER A 287 -2.04 -11.75 25.63
C SER A 287 -3.02 -11.27 24.58
N LEU A 288 -3.99 -10.44 24.98
CA LEU A 288 -5.06 -10.06 24.08
C LEU A 288 -4.57 -9.08 23.01
N ASP A 289 -5.32 -9.03 21.91
CA ASP A 289 -5.07 -8.06 20.84
C ASP A 289 -5.71 -6.72 21.21
N ALA A 290 -5.53 -5.74 20.33
CA ALA A 290 -5.98 -4.38 20.62
C ALA A 290 -7.49 -4.31 20.82
N VAL A 291 -8.25 -5.04 20.00
CA VAL A 291 -9.71 -5.00 20.09
C VAL A 291 -10.18 -5.67 21.36
N ARG A 292 -9.63 -6.84 21.69
CA ARG A 292 -10.06 -7.55 22.89
C ARG A 292 -9.56 -6.87 24.16
N ARG A 293 -8.43 -6.14 24.06
CA ARG A 293 -8.02 -5.33 25.19
C ARG A 293 -9.02 -4.23 25.49
N ALA A 294 -9.70 -3.72 24.46
CA ALA A 294 -10.73 -2.71 24.68
C ALA A 294 -11.91 -3.27 25.45
N ALA A 295 -12.24 -4.55 25.26
CA ALA A 295 -13.34 -5.16 26.01
C ALA A 295 -12.96 -5.35 27.47
N LEU A 296 -11.70 -5.71 27.73
CA LEU A 296 -11.23 -5.81 29.11
C LEU A 296 -11.23 -4.45 29.78
N ILE A 297 -10.81 -3.41 29.05
CA ILE A 297 -10.87 -2.04 29.57
C ILE A 297 -12.31 -1.65 29.89
N ASN A 298 -13.25 -2.06 29.03
CA ASN A 298 -14.66 -1.76 29.26
C ASN A 298 -15.14 -2.36 30.58
N MET A 299 -14.78 -3.61 30.86
CA MET A 299 -15.17 -4.23 32.11
C MET A 299 -14.53 -3.54 33.30
N VAL A 300 -13.32 -3.00 33.13
CA VAL A 300 -12.67 -2.27 34.21
C VAL A 300 -13.39 -0.96 34.48
N PHE A 301 -13.85 -0.28 33.42
CA PHE A 301 -14.59 0.96 33.59
C PHE A 301 -15.89 0.73 34.35
N GLN A 302 -16.49 -0.46 34.20
CA GLN A 302 -17.81 -0.70 34.78
C GLN A 302 -17.72 -1.11 36.24
N MET A 303 -16.76 -1.97 36.60
CA MET A 303 -16.73 -2.53 37.94
C MET A 303 -15.35 -2.51 38.59
N GLY A 304 -14.35 -1.89 37.98
CA GLY A 304 -13.05 -1.76 38.61
C GLY A 304 -12.18 -2.98 38.44
N GLU A 305 -10.89 -2.81 38.78
CA GLU A 305 -9.93 -3.87 38.52
C GLU A 305 -10.09 -5.03 39.50
N THR A 306 -10.34 -4.72 40.78
CA THR A 306 -10.65 -5.75 41.76
C THR A 306 -11.84 -6.59 41.31
N GLY A 307 -12.82 -5.96 40.66
CA GLY A 307 -13.98 -6.70 40.20
C GLY A 307 -13.69 -7.55 38.97
N VAL A 308 -12.88 -7.03 38.04
CA VAL A 308 -12.56 -7.80 36.85
C VAL A 308 -11.61 -8.94 37.20
N ALA A 309 -10.72 -8.76 38.17
CA ALA A 309 -9.79 -9.81 38.55
C ALA A 309 -10.50 -11.03 39.13
N GLY A 310 -11.76 -10.90 39.51
CA GLY A 310 -12.48 -12.04 40.07
C GLY A 310 -12.79 -13.12 39.05
N PHE A 311 -12.84 -12.75 37.77
CA PHE A 311 -13.15 -13.70 36.70
C PHE A 311 -11.90 -14.52 36.34
N THR A 312 -11.42 -15.27 37.33
CA THR A 312 -10.16 -16.00 37.17
C THR A 312 -10.28 -17.08 36.09
N ASN A 313 -11.40 -17.82 36.07
CA ASN A 313 -11.58 -18.86 35.06
C ASN A 313 -11.69 -18.26 33.67
N SER A 314 -12.45 -17.18 33.53
CA SER A 314 -12.65 -16.58 32.21
C SER A 314 -11.37 -15.93 31.71
N LEU A 315 -10.61 -15.28 32.59
CA LEU A 315 -9.36 -14.65 32.16
C LEU A 315 -8.32 -15.67 31.75
N ARG A 316 -8.30 -16.84 32.41
CA ARG A 316 -7.39 -17.90 32.00
C ARG A 316 -7.75 -18.42 30.62
N MET A 317 -9.04 -18.56 30.33
CA MET A 317 -9.45 -19.01 29.00
C MET A 317 -9.13 -17.95 27.94
N LEU A 318 -9.23 -16.67 28.31
CA LEU A 318 -8.86 -15.61 27.37
C LEU A 318 -7.36 -15.62 27.10
N GLN A 319 -6.55 -15.91 28.12
CA GLN A 319 -5.10 -16.00 27.92
C GLN A 319 -4.74 -17.22 27.07
N GLN A 320 -5.46 -18.33 27.25
CA GLN A 320 -5.28 -19.50 26.41
C GLN A 320 -5.99 -19.37 25.07
N LYS A 321 -6.63 -18.22 24.81
CA LYS A 321 -7.26 -17.93 23.52
C LYS A 321 -8.38 -18.92 23.20
N ARG A 322 -9.16 -19.27 24.22
CA ARG A 322 -10.37 -20.08 24.05
C ARG A 322 -11.56 -19.12 24.12
N TRP A 323 -11.88 -18.52 22.97
CA TRP A 323 -12.87 -17.46 22.94
C TRP A 323 -14.27 -17.99 23.23
N ASP A 324 -14.64 -19.12 22.64
CA ASP A 324 -15.98 -19.66 22.85
C ASP A 324 -16.18 -20.10 24.30
N GLU A 325 -15.18 -20.76 24.89
CA GLU A 325 -15.31 -21.21 26.27
C GLU A 325 -15.35 -20.02 27.23
N ALA A 326 -14.54 -19.00 26.98
CA ALA A 326 -14.55 -17.83 27.85
C ALA A 326 -15.85 -17.05 27.72
N ALA A 327 -16.42 -17.01 26.51
CA ALA A 327 -17.68 -16.29 26.32
C ALA A 327 -18.82 -16.99 27.06
N VAL A 328 -18.84 -18.32 27.04
CA VAL A 328 -19.89 -19.06 27.75
C VAL A 328 -19.72 -18.90 29.26
N ASN A 329 -18.49 -18.98 29.75
CA ASN A 329 -18.26 -18.86 31.19
C ASN A 329 -18.59 -17.47 31.69
N LEU A 330 -18.37 -16.44 30.87
CA LEU A 330 -18.75 -15.08 31.27
C LEU A 330 -20.27 -14.90 31.26
N ALA A 331 -20.99 -15.67 30.45
CA ALA A 331 -22.44 -15.53 30.37
C ALA A 331 -23.11 -15.93 31.68
N LYS A 332 -22.52 -16.86 32.43
CA LYS A 332 -23.09 -17.30 33.70
C LYS A 332 -22.39 -16.51 34.81
N SER A 333 -22.84 -15.27 34.99
CA SER A 333 -22.25 -14.38 35.97
C SER A 333 -23.28 -13.35 36.40
N ARG A 334 -23.02 -12.71 37.54
CA ARG A 334 -23.89 -11.65 38.03
C ARG A 334 -23.77 -10.40 37.14
N TRP A 335 -22.59 -10.16 36.58
CA TRP A 335 -22.42 -9.05 35.64
C TRP A 335 -23.30 -9.22 34.41
N TYR A 336 -23.52 -10.45 33.97
CA TYR A 336 -24.36 -10.69 32.80
C TYR A 336 -25.84 -10.54 33.13
N ASN A 337 -26.25 -10.99 34.33
CA ASN A 337 -27.67 -10.96 34.68
C ASN A 337 -28.17 -9.53 34.89
N GLN A 338 -27.38 -8.70 35.57
CA GLN A 338 -27.83 -7.35 35.89
C GLN A 338 -27.86 -6.47 34.64
N THR A 339 -26.84 -6.56 33.80
CA THR A 339 -26.73 -5.76 32.58
C THR A 339 -26.50 -6.71 31.41
N PRO A 340 -27.55 -7.30 30.86
CA PRO A 340 -27.39 -8.25 29.74
C PRO A 340 -26.87 -7.59 28.47
N ASN A 341 -27.48 -6.47 28.08
CA ASN A 341 -27.16 -5.85 26.79
C ASN A 341 -25.69 -5.47 26.70
N ARG A 342 -25.16 -4.81 27.73
CA ARG A 342 -23.76 -4.42 27.71
C ARG A 342 -22.85 -5.64 27.77
N ALA A 343 -23.24 -6.66 28.55
CA ALA A 343 -22.41 -7.85 28.68
C ALA A 343 -22.32 -8.61 27.36
N LYS A 344 -23.45 -8.73 26.65
CA LYS A 344 -23.45 -9.46 25.39
C LYS A 344 -22.52 -8.82 24.37
N ARG A 345 -22.49 -7.48 24.32
CA ARG A 345 -21.61 -6.80 23.37
C ARG A 345 -20.15 -6.96 23.76
N VAL A 346 -19.82 -6.80 25.04
CA VAL A 346 -18.45 -6.99 25.51
C VAL A 346 -18.01 -8.43 25.29
N ILE A 347 -18.92 -9.38 25.54
CA ILE A 347 -18.59 -10.79 25.33
C ILE A 347 -18.41 -11.09 23.85
N THR A 348 -19.27 -10.52 23.00
CA THR A 348 -19.14 -10.71 21.55
C THR A 348 -17.80 -10.18 21.06
N THR A 349 -17.34 -9.05 21.62
CA THR A 349 -16.04 -8.52 21.25
C THR A 349 -14.92 -9.47 21.63
N PHE A 350 -15.05 -10.15 22.78
CA PHE A 350 -14.05 -11.13 23.18
C PHE A 350 -14.03 -12.32 22.21
N ARG A 351 -15.21 -12.79 21.81
CA ARG A 351 -15.28 -13.98 20.96
C ARG A 351 -14.81 -13.67 19.54
N THR A 352 -15.35 -12.60 18.94
CA THR A 352 -15.04 -12.30 17.55
C THR A 352 -13.70 -11.59 17.40
N GLY A 353 -13.37 -10.69 18.33
CA GLY A 353 -12.20 -9.85 18.17
C GLY A 353 -12.39 -8.73 17.19
N THR A 354 -13.63 -8.36 16.88
CA THR A 354 -13.95 -7.31 15.93
C THR A 354 -14.84 -6.27 16.61
N TRP A 355 -15.20 -5.22 15.85
CA TRP A 355 -16.09 -4.17 16.32
C TRP A 355 -17.52 -4.34 15.81
N ASP A 356 -17.93 -5.58 15.54
CA ASP A 356 -19.25 -5.81 14.94
C ASP A 356 -20.37 -5.47 15.92
N ALA A 357 -20.17 -5.70 17.21
CA ALA A 357 -21.22 -5.42 18.19
C ALA A 357 -21.45 -3.92 18.39
N TYR A 358 -20.48 -3.09 18.03
CA TYR A 358 -20.59 -1.63 18.16
C TYR A 358 -20.53 -0.95 16.80
N LEU A 359 -20.83 -1.67 15.73
CA LEU A 359 -20.63 -1.16 14.39
C LEU A 359 -21.67 -0.09 14.05
N ASN A 360 -21.20 1.13 13.80
CA ASN A 360 -22.07 2.19 13.32
C ASN A 360 -21.48 2.85 12.08
N ASP A 361 -22.04 3.99 11.67
CA ASP A 361 -21.55 4.65 10.47
C ASP A 361 -20.10 5.12 10.63
N HIS A 362 -19.73 5.53 11.84
CA HIS A 362 -18.37 6.00 12.08
C HIS A 362 -17.37 4.85 12.04
N LEU A 363 -17.64 3.77 12.78
CA LEU A 363 -16.73 2.64 12.82
C LEU A 363 -16.65 1.95 11.46
N LYS A 364 -17.77 1.85 10.76
CA LYS A 364 -17.75 1.24 9.43
C LYS A 364 -16.99 2.12 8.44
N GLN A 365 -17.03 3.44 8.61
CA GLN A 365 -16.26 4.33 7.74
C GLN A 365 -14.76 4.15 7.96
N ARG A 366 -14.34 4.00 9.22
CA ARG A 366 -12.91 3.85 9.51
C ARG A 366 -12.39 2.48 9.06
N ARG A 367 -13.22 1.44 9.15
CA ARG A 367 -12.80 0.13 8.66
C ARG A 367 -12.62 0.15 7.14
N GLU A 368 -13.48 0.89 6.44
CA GLU A 368 -13.35 1.00 4.98
C GLU A 368 -12.08 1.76 4.61
N VAL A 369 -11.79 2.84 5.33
CA VAL A 369 -10.61 3.64 5.03
C VAL A 369 -9.34 2.86 5.32
N ALA A 370 -9.30 2.16 6.46
CA ALA A 370 -8.07 1.45 6.85
C ALA A 370 -7.76 0.31 5.90
N LYS A 371 -8.79 -0.35 5.35
CA LYS A 371 -8.56 -1.50 4.48
C LYS A 371 -8.10 -1.07 3.09
N THR A 372 -8.63 0.02 2.57
CA THR A 372 -8.23 0.47 1.23
C THR A 372 -6.79 0.98 1.23
N VAL A 373 -6.42 1.79 2.22
CA VAL A 373 -5.07 2.34 2.28
C VAL A 373 -4.06 1.21 2.46
N PHE A 374 -4.34 0.29 3.39
CA PHE A 374 -3.44 -0.84 3.59
C PHE A 374 -3.34 -1.70 2.35
N CYS A 375 -4.40 -1.77 1.55
CA CYS A 375 -4.39 -2.62 0.36
C CYS A 375 -3.50 -2.04 -0.73
N LEU A 376 -3.61 -0.73 -0.98
CA LEU A 376 -2.82 -0.12 -2.04
C LEU A 376 -1.33 -0.13 -1.71
N VAL A 377 -0.98 0.12 -0.46
CA VAL A 377 0.43 0.12 -0.07
C VAL A 377 1.02 -1.27 -0.16
N LEU A 378 0.27 -2.29 0.27
CA LEU A 378 0.76 -3.66 0.23
C LEU A 378 0.94 -4.14 -1.21
N VAL A 379 0.00 -3.79 -2.09
CA VAL A 379 0.13 -4.15 -3.49
C VAL A 379 1.37 -3.51 -4.10
N PHE A 380 1.63 -2.24 -3.75
CA PHE A 380 2.81 -1.56 -4.27
C PHE A 380 4.09 -2.22 -3.79
N ALA A 381 4.14 -2.59 -2.51
CA ALA A 381 5.35 -3.20 -1.97
C ALA A 381 5.60 -4.57 -2.57
N LEU A 382 4.55 -5.37 -2.75
CA LEU A 382 4.74 -6.72 -3.27
C LEU A 382 5.11 -6.71 -4.75
N CYS A 383 4.70 -5.67 -5.49
CA CYS A 383 4.99 -5.63 -6.93
C CYS A 383 6.43 -5.20 -7.21
N TRP A 384 7.03 -4.40 -6.34
CA TRP A 384 8.38 -3.89 -6.56
C TRP A 384 9.43 -4.57 -5.71
N LEU A 385 9.03 -5.41 -4.75
CA LEU A 385 10.00 -6.11 -3.92
C LEU A 385 10.90 -7.05 -4.72
N PRO A 386 10.40 -7.88 -5.65
CA PRO A 386 11.30 -8.80 -6.35
C PRO A 386 12.38 -8.10 -7.19
N LEU A 387 12.04 -6.97 -7.82
CA LEU A 387 13.01 -6.30 -8.68
C LEU A 387 14.21 -5.82 -7.89
N HIS A 388 13.98 -5.11 -6.78
CA HIS A 388 15.09 -4.64 -5.95
C HIS A 388 15.82 -5.80 -5.30
N LEU A 389 15.10 -6.84 -4.88
CA LEU A 389 15.73 -8.00 -4.29
C LEU A 389 16.61 -8.72 -5.30
N ALA A 390 16.19 -8.75 -6.57
CA ALA A 390 17.01 -9.38 -7.60
C ALA A 390 18.23 -8.54 -7.91
N ARG A 391 18.16 -7.21 -7.74
CA ARG A 391 19.29 -6.36 -8.03
C ARG A 391 20.33 -6.36 -6.92
N ILE A 392 19.92 -6.52 -5.67
CA ILE A 392 20.90 -6.61 -4.59
C ILE A 392 21.62 -7.95 -4.64
N LEU A 393 20.96 -8.99 -5.16
CA LEU A 393 21.63 -10.27 -5.35
C LEU A 393 22.64 -10.22 -6.49
N LYS A 394 22.49 -9.26 -7.41
CA LYS A 394 23.40 -9.17 -8.54
C LYS A 394 24.73 -8.55 -8.14
N LEU A 395 24.70 -7.56 -7.26
CA LEU A 395 25.91 -6.85 -6.85
C LEU A 395 26.54 -7.43 -5.58
N THR A 396 25.95 -8.47 -5.00
CA THR A 396 26.53 -9.13 -3.83
C THR A 396 26.95 -10.56 -4.09
N LEU A 397 26.64 -11.12 -5.27
CA LEU A 397 26.94 -12.52 -5.56
C LEU A 397 27.63 -12.76 -6.89
N TYR A 398 27.67 -11.78 -7.79
CA TYR A 398 28.16 -11.98 -9.15
C TYR A 398 29.56 -11.41 -9.32
N ASN A 399 30.40 -12.16 -10.04
CA ASN A 399 31.76 -11.74 -10.37
C ASN A 399 32.08 -12.20 -11.78
N GLN A 400 32.72 -11.33 -12.55
CA GLN A 400 33.02 -11.66 -13.95
C GLN A 400 34.17 -12.65 -14.07
N ASN A 401 35.05 -12.71 -13.06
CA ASN A 401 36.21 -13.59 -13.13
C ASN A 401 35.81 -15.05 -13.05
N ASP A 402 35.18 -15.45 -11.93
CA ASP A 402 34.73 -16.79 -11.58
C ASP A 402 34.32 -17.60 -12.81
N PRO A 403 34.85 -18.81 -12.98
CA PRO A 403 34.48 -19.60 -14.16
C PRO A 403 33.02 -20.06 -14.14
N ASN A 404 32.42 -20.21 -12.96
CA ASN A 404 31.04 -20.68 -12.83
C ASN A 404 30.03 -19.55 -12.84
N ARG A 405 30.31 -18.45 -13.55
CA ARG A 405 29.37 -17.33 -13.54
C ARG A 405 28.16 -17.56 -14.44
N CYS A 406 28.31 -18.31 -15.52
CA CYS A 406 27.19 -18.43 -16.47
C CYS A 406 26.02 -19.21 -15.88
N GLU A 407 26.29 -20.15 -14.97
CA GLU A 407 25.19 -20.79 -14.25
C GLU A 407 24.60 -19.85 -13.22
N LEU A 408 25.44 -19.02 -12.58
CA LEU A 408 24.94 -18.06 -11.61
C LEU A 408 24.25 -16.89 -12.32
N LEU A 409 24.86 -16.38 -13.40
CA LEU A 409 24.21 -15.36 -14.20
C LEU A 409 22.88 -15.85 -14.75
N SER A 410 22.82 -17.13 -15.10
CA SER A 410 21.56 -17.73 -15.54
C SER A 410 20.49 -17.59 -14.47
N PHE A 411 20.86 -17.76 -13.20
CA PHE A 411 19.88 -17.68 -12.12
C PHE A 411 19.49 -16.23 -11.84
N LEU A 412 20.46 -15.31 -11.88
CA LEU A 412 20.15 -13.91 -11.58
C LEU A 412 19.27 -13.28 -12.65
N LEU A 413 19.42 -13.67 -13.92
CA LEU A 413 18.62 -13.08 -14.97
C LEU A 413 17.15 -13.47 -14.86
N VAL A 414 16.87 -14.68 -14.37
CA VAL A 414 15.49 -15.12 -14.19
C VAL A 414 14.77 -14.24 -13.18
N LEU A 415 15.42 -13.99 -12.04
CA LEU A 415 14.79 -13.18 -11.00
C LEU A 415 14.57 -11.74 -11.48
N ASP A 416 15.52 -11.19 -12.24
CA ASP A 416 15.37 -9.83 -12.74
C ASP A 416 14.20 -9.75 -13.72
N TYR A 417 14.02 -10.78 -14.56
CA TYR A 417 12.87 -10.79 -15.46
C TYR A 417 11.57 -10.91 -14.68
N ILE A 418 11.55 -11.74 -13.63
CA ILE A 418 10.37 -11.83 -12.77
C ILE A 418 10.10 -10.49 -12.11
N GLY A 419 11.15 -9.80 -11.65
CA GLY A 419 10.96 -8.52 -11.00
C GLY A 419 10.45 -7.45 -11.94
N ILE A 420 10.85 -7.51 -13.21
CA ILE A 420 10.37 -6.54 -14.19
C ILE A 420 8.89 -6.77 -14.47
N ASN A 421 8.46 -8.04 -14.54
CA ASN A 421 7.05 -8.34 -14.79
C ASN A 421 6.19 -7.97 -13.59
N MET A 422 6.68 -8.22 -12.38
CA MET A 422 5.90 -7.87 -11.18
C MET A 422 5.74 -6.36 -11.05
N ALA A 423 6.76 -5.59 -11.44
CA ALA A 423 6.64 -4.14 -11.39
C ALA A 423 5.66 -3.61 -12.43
N SER A 424 5.53 -4.30 -13.57
CA SER A 424 4.58 -3.88 -14.59
C SER A 424 3.14 -4.16 -14.17
N LEU A 425 2.92 -5.20 -13.36
CA LEU A 425 1.57 -5.52 -12.90
C LEU A 425 0.99 -4.45 -11.99
N ASN A 426 1.83 -3.62 -11.38
CA ASN A 426 1.35 -2.57 -10.48
C ASN A 426 0.55 -1.50 -11.21
N SER A 427 0.75 -1.36 -12.52
CA SER A 427 0.02 -0.36 -13.30
C SER A 427 -1.42 -0.76 -13.58
N CYS A 428 -1.82 -1.99 -13.24
CA CYS A 428 -3.20 -2.43 -13.40
C CYS A 428 -3.78 -3.06 -12.14
N ALA A 429 -2.99 -3.20 -11.07
CA ALA A 429 -3.43 -3.93 -9.90
C ALA A 429 -4.31 -3.09 -8.97
N ASN A 430 -4.14 -1.76 -8.98
CA ASN A 430 -4.88 -0.92 -8.05
C ASN A 430 -6.39 -0.97 -8.26
N PRO A 431 -6.93 -0.86 -9.49
CA PRO A 431 -8.39 -0.96 -9.62
C PRO A 431 -8.94 -2.32 -9.23
N ILE A 432 -8.20 -3.40 -9.54
CA ILE A 432 -8.61 -4.73 -9.11
C ILE A 432 -8.57 -4.84 -7.60
N ALA A 433 -7.55 -4.27 -6.97
CA ALA A 433 -7.40 -4.38 -5.52
C ALA A 433 -8.55 -3.69 -4.79
N LEU A 434 -8.96 -2.51 -5.27
CA LEU A 434 -10.09 -1.82 -4.66
C LEU A 434 -11.39 -2.58 -4.87
N TYR A 435 -11.51 -3.29 -5.99
CA TYR A 435 -12.73 -4.05 -6.27
C TYR A 435 -12.93 -5.16 -5.25
N LEU A 436 -11.85 -5.86 -4.89
CA LEU A 436 -11.97 -7.01 -4.00
C LEU A 436 -12.08 -6.59 -2.53
N VAL A 437 -11.43 -5.50 -2.15
CA VAL A 437 -11.36 -5.12 -0.74
C VAL A 437 -12.52 -4.21 -0.35
N SER A 438 -12.83 -3.23 -1.18
CA SER A 438 -13.85 -2.23 -0.87
C SER A 438 -15.17 -2.59 -1.54
N LYS A 439 -16.23 -2.70 -0.74
CA LYS A 439 -17.58 -2.83 -1.27
C LYS A 439 -18.10 -1.52 -1.85
N ARG A 440 -17.56 -0.38 -1.40
CA ARG A 440 -17.97 0.90 -1.96
C ARG A 440 -17.53 1.04 -3.41
N PHE A 441 -16.29 0.66 -3.71
CA PHE A 441 -15.80 0.69 -5.09
C PHE A 441 -16.38 -0.43 -5.94
N LYS A 442 -16.66 -1.58 -5.33
CA LYS A 442 -17.20 -2.71 -6.08
C LYS A 442 -18.54 -2.36 -6.72
N ASN A 443 -19.42 -1.70 -5.97
CA ASN A 443 -20.69 -1.26 -6.56
C ASN A 443 -20.46 -0.14 -7.57
N ALA A 444 -19.44 0.68 -7.38
CA ALA A 444 -19.14 1.73 -8.33
C ALA A 444 -18.62 1.17 -9.65
N PHE A 445 -17.82 0.09 -9.58
CA PHE A 445 -17.34 -0.53 -10.81
C PHE A 445 -18.47 -1.21 -11.57
N LYS A 446 -19.35 -1.92 -10.86
CA LYS A 446 -20.45 -2.60 -11.52
C LYS A 446 -21.41 -1.60 -12.17
N SER A 447 -21.75 -0.53 -11.44
CA SER A 447 -22.66 0.47 -11.99
C SER A 447 -22.05 1.16 -13.20
N ALA A 448 -20.74 1.40 -13.18
CA ALA A 448 -20.10 2.06 -14.32
C ALA A 448 -20.11 1.18 -15.56
N LEU A 449 -19.80 -0.11 -15.41
CA LEU A 449 -19.78 -1.01 -16.54
C LEU A 449 -21.17 -1.48 -16.95
N CYS A 450 -22.17 -1.38 -16.06
CA CYS A 450 -23.54 -1.67 -16.46
C CYS A 450 -24.12 -0.57 -17.32
N CYS A 451 -23.65 0.67 -17.13
CA CYS A 451 -24.10 1.79 -17.96
C CYS A 451 -23.64 1.64 -19.40
#